data_2P5J
#
_entry.id   2P5J
#
_cell.length_a   1.000
_cell.length_b   1.000
_cell.length_c   1.000
_cell.angle_alpha   90.00
_cell.angle_beta   90.00
_cell.angle_gamma   90.00
#
_symmetry.space_group_name_H-M   'P 1'
#
_entity_poly.entity_id   1
_entity_poly.type   'polypeptide(L)'
_entity_poly.pdbx_seq_one_letter_code
;LGRVDIHVWDGVYIRGR
;
_entity_poly.pdbx_strand_id   A
#
# COMPACT_ATOMS: atom_id res chain seq x y z
N LEU A 1 0.20 -6.60 16.47
CA LEU A 1 0.95 -5.35 16.42
C LEU A 1 1.67 -5.19 15.09
N GLY A 2 2.04 -6.32 14.49
CA GLY A 2 2.73 -6.29 13.22
C GLY A 2 1.81 -6.58 12.04
N ARG A 3 2.27 -6.26 10.84
CA ARG A 3 1.49 -6.49 9.63
C ARG A 3 2.37 -7.00 8.49
N VAL A 4 1.73 -7.39 7.39
CA VAL A 4 2.46 -7.90 6.23
C VAL A 4 2.39 -6.90 5.07
N ASP A 5 2.95 -5.72 5.28
CA ASP A 5 2.96 -4.68 4.25
C ASP A 5 1.54 -4.21 3.94
N ILE A 6 1.41 -2.96 3.52
CA ILE A 6 0.12 -2.39 3.20
C ILE A 6 -0.10 -2.32 1.70
N HIS A 7 -1.32 -2.60 1.26
CA HIS A 7 -1.65 -2.56 -0.17
C HIS A 7 -1.42 -1.17 -0.74
N VAL A 8 -2.13 -0.19 -0.22
CA VAL A 8 -2.00 1.19 -0.69
C VAL A 8 -0.61 1.73 -0.41
N TRP A 9 -0.22 2.76 -1.13
CA TRP A 9 1.10 3.38 -0.96
C TRP A 9 1.02 4.89 -1.14
N ASP A 10 1.55 5.62 -0.17
CA ASP A 10 1.55 7.09 -0.23
C ASP A 10 0.12 7.62 -0.20
N GLY A 11 -0.78 6.87 0.44
CA GLY A 11 -2.17 7.29 0.52
C GLY A 11 -3.09 6.43 -0.33
N VAL A 12 -2.77 6.33 -1.62
CA VAL A 12 -3.57 5.53 -2.53
C VAL A 12 -2.69 4.73 -3.49
N TYR A 13 -3.13 3.52 -3.82
CA TYR A 13 -2.37 2.65 -4.72
C TYR A 13 -2.37 3.21 -6.14
N ILE A 14 -1.20 3.65 -6.59
CA ILE A 14 -1.05 4.21 -7.93
C ILE A 14 -1.51 3.22 -8.99
N ARG A 15 -2.10 3.73 -10.06
CA ARG A 15 -2.58 2.89 -11.15
C ARG A 15 -1.41 2.31 -11.96
N GLY A 16 -1.60 1.11 -12.48
CA GLY A 16 -0.55 0.48 -13.26
C GLY A 16 0.76 0.36 -12.50
N ARG A 17 1.70 1.24 -12.80
CA ARG A 17 3.00 1.22 -12.14
C ARG A 17 2.99 2.14 -10.92
N LEU A 1 0.33 -3.63 16.93
CA LEU A 1 0.55 -4.75 16.01
C LEU A 1 0.08 -4.39 14.61
N GLY A 2 0.32 -5.30 13.66
CA GLY A 2 -0.09 -5.05 12.28
C GLY A 2 0.58 -5.99 11.31
N ARG A 3 0.04 -6.07 10.10
CA ARG A 3 0.60 -6.95 9.07
C ARG A 3 2.07 -6.61 8.79
N VAL A 4 2.72 -7.44 8.00
CA VAL A 4 4.13 -7.23 7.66
C VAL A 4 4.33 -5.89 6.97
N ASP A 5 3.58 -5.67 5.89
CA ASP A 5 3.67 -4.42 5.13
C ASP A 5 2.29 -3.96 4.68
N ILE A 6 2.08 -2.65 4.71
CA ILE A 6 0.80 -2.07 4.31
C ILE A 6 0.43 -2.51 2.90
N HIS A 7 -0.83 -2.90 2.72
CA HIS A 7 -1.33 -3.33 1.42
C HIS A 7 -1.13 -2.23 0.37
N VAL A 8 -1.75 -1.09 0.60
CA VAL A 8 -1.65 0.04 -0.31
C VAL A 8 -0.22 0.57 -0.37
N TRP A 9 0.06 1.36 -1.40
CA TRP A 9 1.39 1.93 -1.58
C TRP A 9 1.35 3.46 -1.50
N ASP A 10 2.08 4.02 -0.55
CA ASP A 10 2.12 5.46 -0.37
C ASP A 10 0.71 6.02 -0.16
N GLY A 11 -0.16 5.21 0.42
CA GLY A 11 -1.53 5.65 0.66
C GLY A 11 -2.53 4.95 -0.23
N VAL A 12 -2.23 4.89 -1.52
CA VAL A 12 -3.11 4.24 -2.50
C VAL A 12 -2.31 3.59 -3.61
N TYR A 13 -2.78 2.43 -4.08
CA TYR A 13 -2.11 1.71 -5.13
C TYR A 13 -1.88 2.60 -6.35
N ILE A 14 -0.65 2.59 -6.86
CA ILE A 14 -0.29 3.39 -8.02
C ILE A 14 -1.27 3.17 -9.17
N ARG A 15 -1.94 4.23 -9.59
CA ARG A 15 -2.91 4.15 -10.67
C ARG A 15 -2.19 4.13 -12.03
N GLY A 16 -2.64 3.24 -12.92
CA GLY A 16 -2.04 3.14 -14.24
C GLY A 16 -0.55 2.83 -14.17
N ARG A 17 0.27 3.83 -14.44
CA ARG A 17 1.72 3.65 -14.42
C ARG A 17 2.28 3.99 -13.04
N LEU A 1 -0.51 -6.20 17.20
CA LEU A 1 -0.26 -6.90 15.94
C LEU A 1 0.00 -5.90 14.82
N GLY A 2 0.28 -6.42 13.62
CA GLY A 2 0.54 -5.56 12.48
C GLY A 2 0.92 -6.35 11.25
N ARG A 3 0.90 -5.68 10.09
CA ARG A 3 1.26 -6.33 8.83
C ARG A 3 2.63 -5.88 8.35
N VAL A 4 3.35 -6.80 7.71
CA VAL A 4 4.69 -6.49 7.20
C VAL A 4 4.68 -5.22 6.36
N ASP A 5 3.75 -5.16 5.41
CA ASP A 5 3.64 -3.99 4.53
C ASP A 5 2.18 -3.57 4.38
N ILE A 6 1.94 -2.57 3.53
CA ILE A 6 0.60 -2.07 3.30
C ILE A 6 0.15 -2.33 1.86
N HIS A 7 -1.13 -2.59 1.69
CA HIS A 7 -1.68 -2.86 0.36
C HIS A 7 -1.47 -1.66 -0.56
N VAL A 8 -1.95 -0.50 -0.14
CA VAL A 8 -1.81 0.72 -0.93
C VAL A 8 -0.35 1.13 -1.04
N TRP A 9 -0.11 2.26 -1.71
CA TRP A 9 1.24 2.77 -1.89
C TRP A 9 1.27 4.29 -1.76
N ASP A 10 2.09 4.79 -0.85
CA ASP A 10 2.22 6.23 -0.64
C ASP A 10 0.86 6.84 -0.29
N GLY A 11 0.10 6.14 0.54
CA GLY A 11 -1.21 6.63 0.94
C GLY A 11 -2.34 5.92 0.23
N VAL A 12 -2.29 5.90 -1.11
CA VAL A 12 -3.31 5.25 -1.90
C VAL A 12 -2.70 4.48 -3.07
N TYR A 13 -3.22 3.29 -3.32
CA TYR A 13 -2.72 2.45 -4.41
C TYR A 13 -2.85 3.17 -5.75
N ILE A 14 -1.71 3.51 -6.34
CA ILE A 14 -1.69 4.21 -7.63
C ILE A 14 -2.03 3.25 -8.77
N ARG A 15 -2.92 3.69 -9.65
CA ARG A 15 -3.33 2.87 -10.79
C ARG A 15 -2.25 2.84 -11.86
N GLY A 16 -1.96 1.65 -12.38
CA GLY A 16 -0.94 1.51 -13.40
C GLY A 16 0.43 1.97 -12.92
N ARG A 17 1.24 1.02 -12.48
CA ARG A 17 2.58 1.33 -11.99
C ARG A 17 3.60 1.26 -13.12
N LEU A 1 -0.02 -7.47 17.69
CA LEU A 1 -0.72 -7.69 16.42
C LEU A 1 -0.44 -6.56 15.44
N GLY A 2 -0.17 -6.91 14.19
CA GLY A 2 0.11 -5.92 13.17
C GLY A 2 0.70 -6.52 11.92
N ARG A 3 0.70 -5.75 10.83
CA ARG A 3 1.24 -6.23 9.56
C ARG A 3 2.53 -5.49 9.22
N VAL A 4 3.46 -6.20 8.58
CA VAL A 4 4.73 -5.62 8.20
C VAL A 4 4.54 -4.32 7.42
N ASP A 5 3.68 -4.36 6.40
CA ASP A 5 3.40 -3.19 5.59
C ASP A 5 1.92 -3.14 5.21
N ILE A 6 1.56 -2.12 4.44
CA ILE A 6 0.18 -1.95 4.01
C ILE A 6 0.02 -2.26 2.53
N HIS A 7 -1.14 -2.77 2.15
CA HIS A 7 -1.41 -3.12 0.75
C HIS A 7 -1.11 -1.94 -0.16
N VAL A 8 -1.79 -0.81 0.06
CA VAL A 8 -1.59 0.38 -0.75
C VAL A 8 -0.11 0.77 -0.81
N TRP A 9 0.21 1.71 -1.67
CA TRP A 9 1.60 2.17 -1.83
C TRP A 9 1.69 3.67 -1.60
N ASP A 10 2.59 4.07 -0.70
CA ASP A 10 2.79 5.48 -0.39
C ASP A 10 1.46 6.15 -0.06
N GLY A 11 0.55 5.38 0.54
CA GLY A 11 -0.75 5.92 0.90
C GLY A 11 -1.88 5.38 0.03
N VAL A 12 -1.69 5.48 -1.29
CA VAL A 12 -2.70 4.99 -2.23
C VAL A 12 -2.04 4.36 -3.44
N TYR A 13 -2.57 3.22 -3.87
CA TYR A 13 -2.04 2.51 -5.03
C TYR A 13 -2.41 3.22 -6.32
N ILE A 14 -1.50 3.17 -7.29
CA ILE A 14 -1.73 3.82 -8.58
C ILE A 14 -1.73 2.80 -9.71
N ARG A 15 -2.93 2.40 -10.15
CA ARG A 15 -3.06 1.43 -11.23
C ARG A 15 -2.72 2.05 -12.57
N GLY A 16 -1.80 1.43 -13.30
CA GLY A 16 -1.40 1.94 -14.60
C GLY A 16 -0.86 3.35 -14.52
N ARG A 17 0.37 3.49 -14.05
CA ARG A 17 1.00 4.79 -13.93
C ARG A 17 1.81 5.13 -15.18
N LEU A 1 -2.61 -8.02 13.91
CA LEU A 1 -1.92 -6.86 14.43
C LEU A 1 -0.58 -6.64 13.74
N GLY A 2 -0.62 -6.21 12.49
CA GLY A 2 0.61 -5.97 11.75
C GLY A 2 0.54 -6.52 10.34
N ARG A 3 1.48 -6.10 9.49
CA ARG A 3 1.51 -6.56 8.11
C ARG A 3 2.96 -6.66 7.62
N VAL A 4 3.19 -7.55 6.66
CA VAL A 4 4.52 -7.75 6.09
C VAL A 4 5.00 -6.50 5.37
N ASP A 5 4.20 -6.02 4.43
CA ASP A 5 4.54 -4.83 3.67
C ASP A 5 3.30 -3.97 3.41
N ILE A 6 3.53 -2.74 2.98
CA ILE A 6 2.43 -1.81 2.69
C ILE A 6 2.19 -1.69 1.19
N HIS A 7 0.93 -1.58 0.81
CA HIS A 7 0.56 -1.45 -0.60
C HIS A 7 0.26 0.00 -0.96
N VAL A 8 -0.58 0.65 -0.16
CA VAL A 8 -0.94 2.04 -0.39
C VAL A 8 0.29 2.94 -0.33
N TRP A 9 0.13 4.18 -0.78
CA TRP A 9 1.23 5.14 -0.79
C TRP A 9 0.71 6.56 -0.92
N ASP A 10 1.15 7.44 -0.03
CA ASP A 10 0.73 8.84 -0.06
C ASP A 10 -0.80 8.94 0.00
N GLY A 11 -1.42 7.95 0.62
CA GLY A 11 -2.87 7.95 0.73
C GLY A 11 -3.56 7.61 -0.57
N VAL A 12 -2.84 6.94 -1.46
CA VAL A 12 -3.40 6.55 -2.75
C VAL A 12 -2.72 5.30 -3.29
N TYR A 13 -3.53 4.31 -3.66
CA TYR A 13 -3.01 3.06 -4.18
C TYR A 13 -2.26 3.27 -5.49
N ILE A 14 -1.11 2.64 -5.63
CA ILE A 14 -0.31 2.76 -6.83
C ILE A 14 -1.09 2.35 -8.07
N ARG A 15 -0.83 3.03 -9.18
CA ARG A 15 -1.51 2.72 -10.44
C ARG A 15 -1.25 1.29 -10.88
N GLY A 16 -2.27 0.64 -11.43
CA GLY A 16 -2.13 -0.73 -11.88
C GLY A 16 -1.66 -1.66 -10.77
N ARG A 17 -0.36 -1.96 -10.77
CA ARG A 17 0.21 -2.85 -9.77
C ARG A 17 0.49 -2.08 -8.47
N LEU A 1 6.88 -4.30 13.09
CA LEU A 1 5.96 -5.34 12.64
C LEU A 1 5.16 -4.86 11.42
N GLY A 2 5.73 -5.05 10.24
CA GLY A 2 5.04 -4.63 9.02
C GLY A 2 3.68 -5.28 8.88
N ARG A 3 2.88 -4.76 7.94
CA ARG A 3 1.54 -5.28 7.71
C ARG A 3 1.52 -6.18 6.47
N VAL A 4 0.66 -7.18 6.50
CA VAL A 4 0.54 -8.11 5.37
C VAL A 4 0.05 -7.40 4.12
N ASP A 5 -1.19 -6.93 4.17
CA ASP A 5 -1.79 -6.22 3.05
C ASP A 5 -2.27 -4.83 3.46
N ILE A 6 -2.08 -3.86 2.58
CA ILE A 6 -2.49 -2.49 2.85
C ILE A 6 -3.45 -1.98 1.79
N HIS A 7 -4.56 -1.38 2.23
CA HIS A 7 -5.56 -0.85 1.31
C HIS A 7 -4.95 0.21 0.40
N VAL A 8 -4.46 1.29 1.01
CA VAL A 8 -3.85 2.38 0.25
C VAL A 8 -2.50 2.77 0.85
N TRP A 9 -1.57 3.17 -0.02
CA TRP A 9 -0.24 3.57 0.42
C TRP A 9 -0.02 5.06 0.22
N ASP A 10 0.21 5.79 1.31
CA ASP A 10 0.43 7.22 1.24
C ASP A 10 -0.71 7.92 0.50
N GLY A 11 -1.93 7.48 0.76
CA GLY A 11 -3.09 8.06 0.12
C GLY A 11 -3.68 7.16 -0.94
N VAL A 12 -2.83 6.65 -1.83
CA VAL A 12 -3.28 5.77 -2.90
C VAL A 12 -2.24 4.71 -3.20
N TYR A 13 -2.69 3.47 -3.36
CA TYR A 13 -1.80 2.35 -3.65
C TYR A 13 -1.18 2.49 -5.03
N ILE A 14 0.15 2.52 -5.08
CA ILE A 14 0.86 2.65 -6.35
C ILE A 14 0.89 1.32 -7.10
N ARG A 15 0.00 1.19 -8.08
CA ARG A 15 -0.07 -0.03 -8.88
C ARG A 15 1.03 -0.05 -9.94
N GLY A 16 1.66 -1.21 -10.11
CA GLY A 16 2.72 -1.34 -11.09
C GLY A 16 3.86 -0.39 -10.84
N ARG A 17 3.93 0.68 -11.64
CA ARG A 17 4.98 1.68 -11.51
C ARG A 17 4.63 2.69 -10.42
N LEU A 1 5.22 -6.30 14.29
CA LEU A 1 4.65 -4.96 14.28
C LEU A 1 3.95 -4.66 12.97
N GLY A 2 2.81 -3.98 13.05
CA GLY A 2 2.06 -3.64 11.87
C GLY A 2 1.61 -4.87 11.08
N ARG A 3 1.21 -4.66 9.84
CA ARG A 3 0.76 -5.75 8.99
C ARG A 3 1.73 -6.00 7.84
N VAL A 4 1.72 -7.21 7.30
CA VAL A 4 2.60 -7.55 6.19
C VAL A 4 2.35 -6.66 4.98
N ASP A 5 1.12 -6.64 4.49
CA ASP A 5 0.75 -5.81 3.35
C ASP A 5 -0.49 -4.99 3.64
N ILE A 6 -0.71 -3.95 2.85
CA ILE A 6 -1.86 -3.08 3.03
C ILE A 6 -2.51 -2.75 1.69
N HIS A 7 -3.83 -2.57 1.71
CA HIS A 7 -4.58 -2.25 0.49
C HIS A 7 -3.99 -1.02 -0.19
N VAL A 8 -3.83 0.06 0.57
CA VAL A 8 -3.28 1.30 0.03
C VAL A 8 -1.91 1.59 0.64
N TRP A 9 -1.13 2.42 -0.05
CA TRP A 9 0.20 2.79 0.41
C TRP A 9 0.52 4.24 0.08
N ASP A 10 0.89 5.01 1.10
CA ASP A 10 1.22 6.42 0.91
C ASP A 10 0.04 7.17 0.30
N GLY A 11 -1.17 6.81 0.73
CA GLY A 11 -2.36 7.47 0.21
C GLY A 11 -3.03 6.67 -0.87
N VAL A 12 -2.25 6.18 -1.83
CA VAL A 12 -2.78 5.39 -2.93
C VAL A 12 -1.78 4.32 -3.37
N TYR A 13 -2.28 3.10 -3.58
CA TYR A 13 -1.43 2.00 -4.02
C TYR A 13 -0.77 2.31 -5.35
N ILE A 14 0.56 2.27 -5.37
CA ILE A 14 1.31 2.53 -6.59
C ILE A 14 1.29 1.33 -7.52
N ARG A 15 0.43 1.37 -8.54
CA ARG A 15 0.31 0.28 -9.49
C ARG A 15 -0.03 0.82 -10.89
N GLY A 16 0.72 0.38 -11.88
CA GLY A 16 0.49 0.82 -13.25
C GLY A 16 0.48 2.33 -13.37
N ARG A 17 1.51 2.96 -12.83
CA ARG A 17 1.63 4.42 -12.89
C ARG A 17 2.37 4.86 -14.14
N LEU A 1 0.11 -6.53 16.74
CA LEU A 1 0.10 -5.09 16.95
C LEU A 1 0.10 -4.35 15.61
N GLY A 2 0.87 -4.86 14.66
CA GLY A 2 0.94 -4.24 13.35
C GLY A 2 1.08 -5.26 12.24
N ARG A 3 0.88 -4.81 11.00
CA ARG A 3 0.98 -5.69 9.84
C ARG A 3 2.30 -5.48 9.11
N VAL A 4 2.82 -6.56 8.53
CA VAL A 4 4.09 -6.49 7.80
C VAL A 4 4.07 -5.37 6.77
N ASP A 5 3.01 -5.33 5.95
CA ASP A 5 2.87 -4.31 4.92
C ASP A 5 1.40 -4.11 4.56
N ILE A 6 1.15 -3.15 3.68
CA ILE A 6 -0.21 -2.86 3.24
C ILE A 6 -0.38 -3.14 1.75
N HIS A 7 -1.60 -3.49 1.35
CA HIS A 7 -1.89 -3.78 -0.04
C HIS A 7 -1.48 -2.63 -0.94
N VAL A 8 -1.93 -1.42 -0.60
CA VAL A 8 -1.61 -0.23 -1.38
C VAL A 8 -0.14 0.11 -1.26
N TRP A 9 0.26 1.22 -1.88
CA TRP A 9 1.64 1.67 -1.84
C TRP A 9 1.75 3.10 -1.32
N ASP A 10 2.55 3.29 -0.27
CA ASP A 10 2.73 4.61 0.32
C ASP A 10 1.40 5.20 0.75
N GLY A 11 0.47 4.33 1.13
CA GLY A 11 -0.84 4.80 1.55
C GLY A 11 -1.67 5.34 0.40
N VAL A 12 -1.31 4.95 -0.82
CA VAL A 12 -2.02 5.41 -2.01
C VAL A 12 -1.98 4.35 -3.11
N TYR A 13 -3.14 4.01 -3.64
CA TYR A 13 -3.25 3.01 -4.70
C TYR A 13 -2.56 3.49 -5.97
N ILE A 14 -1.77 2.61 -6.58
CA ILE A 14 -1.06 2.95 -7.81
C ILE A 14 -1.49 2.06 -8.97
N ARG A 15 -1.77 2.68 -10.11
CA ARG A 15 -2.21 1.95 -11.30
C ARG A 15 -1.80 2.69 -12.57
N GLY A 16 -1.17 1.95 -13.49
CA GLY A 16 -0.73 2.55 -14.74
C GLY A 16 0.18 3.74 -14.52
N ARG A 17 -0.37 4.94 -14.73
CA ARG A 17 0.41 6.17 -14.57
C ARG A 17 0.72 6.42 -13.09
N LEU A 1 1.90 -3.40 15.68
CA LEU A 1 2.54 -2.19 15.17
C LEU A 1 2.25 -2.02 13.68
N GLY A 2 2.64 -3.01 12.88
CA GLY A 2 2.42 -2.95 11.46
C GLY A 2 1.41 -3.97 10.97
N ARG A 3 1.39 -4.22 9.66
CA ARG A 3 0.46 -5.17 9.08
C ARG A 3 1.22 -6.32 8.42
N VAL A 4 0.54 -7.46 8.28
CA VAL A 4 1.14 -8.64 7.66
C VAL A 4 1.76 -8.29 6.31
N ASP A 5 0.94 -7.72 5.43
CA ASP A 5 1.41 -7.34 4.10
C ASP A 5 0.60 -6.17 3.55
N ILE A 6 1.29 -5.20 2.98
CA ILE A 6 0.63 -4.03 2.41
C ILE A 6 0.46 -4.16 0.90
N HIS A 7 -0.70 -3.77 0.40
CA HIS A 7 -1.00 -3.84 -1.03
C HIS A 7 -0.86 -2.47 -1.68
N VAL A 8 -1.53 -1.48 -1.11
CA VAL A 8 -1.47 -0.12 -1.63
C VAL A 8 -0.08 0.47 -1.52
N TRP A 9 0.07 1.73 -1.90
CA TRP A 9 1.36 2.40 -1.84
C TRP A 9 1.19 3.91 -1.70
N ASP A 10 1.68 4.47 -0.61
CA ASP A 10 1.57 5.90 -0.37
C ASP A 10 0.12 6.34 -0.27
N GLY A 11 -0.74 5.41 0.14
CA GLY A 11 -2.16 5.71 0.27
C GLY A 11 -2.95 5.28 -0.95
N VAL A 12 -2.42 5.56 -2.13
CA VAL A 12 -3.08 5.20 -3.38
C VAL A 12 -2.74 3.78 -3.79
N TYR A 13 -3.75 3.04 -4.26
CA TYR A 13 -3.54 1.65 -4.68
C TYR A 13 -2.71 1.59 -5.96
N ILE A 14 -1.58 0.89 -5.89
CA ILE A 14 -0.70 0.76 -7.04
C ILE A 14 -0.17 2.11 -7.50
N ARG A 15 1.06 2.43 -7.11
CA ARG A 15 1.68 3.68 -7.48
C ARG A 15 1.60 3.91 -8.99
N GLY A 16 1.37 5.18 -9.37
CA GLY A 16 1.26 5.50 -10.78
C GLY A 16 0.19 4.70 -11.49
N ARG A 17 -0.95 4.53 -10.83
CA ARG A 17 -2.06 3.77 -11.41
C ARG A 17 -2.47 4.36 -12.76
N LEU A 1 5.25 -7.29 14.00
CA LEU A 1 3.99 -6.95 14.68
C LEU A 1 3.02 -6.28 13.71
N GLY A 2 1.83 -6.86 13.58
CA GLY A 2 0.83 -6.30 12.69
C GLY A 2 0.98 -6.79 11.26
N ARG A 3 0.30 -6.13 10.34
CA ARG A 3 0.36 -6.51 8.93
C ARG A 3 1.80 -6.46 8.42
N VAL A 4 1.98 -6.80 7.14
CA VAL A 4 3.29 -6.79 6.52
C VAL A 4 3.43 -5.66 5.52
N ASP A 5 2.52 -5.63 4.54
CA ASP A 5 2.54 -4.60 3.51
C ASP A 5 1.13 -4.11 3.21
N ILE A 6 0.96 -2.80 3.14
CA ILE A 6 -0.34 -2.20 2.86
C ILE A 6 -0.49 -1.88 1.38
N HIS A 7 -1.64 -2.23 0.81
CA HIS A 7 -1.92 -1.96 -0.60
C HIS A 7 -1.78 -0.48 -0.92
N VAL A 8 -2.62 0.34 -0.27
CA VAL A 8 -2.60 1.78 -0.47
C VAL A 8 -1.29 2.39 0.01
N TRP A 9 -0.82 3.41 -0.69
CA TRP A 9 0.43 4.08 -0.33
C TRP A 9 0.30 5.59 -0.52
N ASP A 10 0.57 6.34 0.53
CA ASP A 10 0.50 7.79 0.48
C ASP A 10 -0.91 8.25 0.13
N GLY A 11 -1.90 7.45 0.52
CA GLY A 11 -3.28 7.78 0.24
C GLY A 11 -3.63 7.68 -1.24
N VAL A 12 -2.83 6.90 -1.97
CA VAL A 12 -3.06 6.71 -3.40
C VAL A 12 -2.59 5.33 -3.84
N TYR A 13 -3.46 4.62 -4.55
CA TYR A 13 -3.14 3.28 -5.04
C TYR A 13 -1.91 3.31 -5.95
N ILE A 14 -1.02 2.33 -5.77
CA ILE A 14 0.19 2.24 -6.57
C ILE A 14 -0.13 2.22 -8.06
N ARG A 15 0.24 3.29 -8.76
CA ARG A 15 -0.01 3.40 -10.20
C ARG A 15 0.51 2.16 -10.92
N GLY A 16 -0.21 1.75 -11.97
CA GLY A 16 0.19 0.59 -12.73
C GLY A 16 0.29 -0.66 -11.87
N ARG A 17 1.51 -1.05 -11.53
CA ARG A 17 1.74 -2.24 -10.72
C ARG A 17 1.41 -1.96 -9.26
N LEU A 1 -3.79 -9.97 10.40
CA LEU A 1 -3.23 -9.46 11.65
C LEU A 1 -2.18 -8.39 11.39
N GLY A 2 -2.42 -7.58 10.37
CA GLY A 2 -1.48 -6.52 10.03
C GLY A 2 -0.57 -6.90 8.87
N ARG A 3 0.10 -5.90 8.29
CA ARG A 3 1.00 -6.14 7.17
C ARG A 3 2.45 -6.14 7.63
N VAL A 4 3.35 -6.47 6.72
CA VAL A 4 4.78 -6.51 7.04
C VAL A 4 5.53 -5.39 6.32
N ASP A 5 4.85 -4.72 5.40
CA ASP A 5 5.45 -3.64 4.63
C ASP A 5 4.38 -2.66 4.15
N ILE A 6 4.72 -1.38 4.14
CA ILE A 6 3.79 -0.35 3.70
C ILE A 6 3.28 -0.63 2.30
N HIS A 7 1.99 -0.38 2.07
CA HIS A 7 1.38 -0.61 0.77
C HIS A 7 0.98 0.71 0.12
N VAL A 8 0.27 1.55 0.87
CA VAL A 8 -0.18 2.84 0.37
C VAL A 8 0.98 3.65 -0.20
N TRP A 9 0.66 4.62 -1.04
CA TRP A 9 1.68 5.46 -1.65
C TRP A 9 1.13 6.84 -1.99
N ASP A 10 1.74 7.87 -1.42
CA ASP A 10 1.30 9.25 -1.64
C ASP A 10 -0.17 9.42 -1.27
N GLY A 11 -0.64 8.59 -0.35
CA GLY A 11 -2.03 8.66 0.07
C GLY A 11 -2.90 7.62 -0.59
N VAL A 12 -2.75 7.48 -1.91
CA VAL A 12 -3.53 6.51 -2.66
C VAL A 12 -2.87 5.14 -2.65
N TYR A 13 -3.68 4.09 -2.52
CA TYR A 13 -3.18 2.73 -2.49
C TYR A 13 -2.73 2.28 -3.88
N ILE A 14 -1.68 1.48 -3.92
CA ILE A 14 -1.15 0.97 -5.19
C ILE A 14 -2.21 0.19 -5.95
N ARG A 15 -2.23 0.36 -7.26
CA ARG A 15 -3.20 -0.34 -8.10
C ARG A 15 -2.62 -0.61 -9.49
N GLY A 16 -2.82 -1.82 -9.99
CA GLY A 16 -2.31 -2.19 -11.29
C GLY A 16 -0.81 -1.93 -11.42
N ARG A 17 -0.46 -0.88 -12.16
CA ARG A 17 0.94 -0.53 -12.36
C ARG A 17 1.55 0.02 -11.09
N LEU A 1 0.75 -2.14 14.04
CA LEU A 1 -0.41 -3.02 14.25
C LEU A 1 -0.76 -3.77 12.97
N GLY A 2 -0.53 -5.07 12.96
CA GLY A 2 -0.84 -5.87 11.80
C GLY A 2 0.41 -6.28 11.02
N ARG A 3 0.22 -6.77 9.81
CA ARG A 3 1.33 -7.21 8.97
C ARG A 3 2.35 -6.08 8.80
N VAL A 4 3.62 -6.45 8.69
CA VAL A 4 4.68 -5.47 8.52
C VAL A 4 4.62 -4.83 7.14
N ASP A 5 3.79 -5.38 6.27
CA ASP A 5 3.64 -4.86 4.91
C ASP A 5 2.17 -4.63 4.58
N ILE A 6 1.92 -3.67 3.69
CA ILE A 6 0.55 -3.35 3.29
C ILE A 6 0.43 -3.26 1.77
N HIS A 7 -0.71 -3.69 1.25
CA HIS A 7 -0.95 -3.65 -0.19
C HIS A 7 -0.80 -2.24 -0.73
N VAL A 8 -1.54 -1.29 -0.17
CA VAL A 8 -1.48 0.10 -0.59
C VAL A 8 -0.08 0.67 -0.39
N TRP A 9 0.23 1.74 -1.12
CA TRP A 9 1.54 2.38 -1.02
C TRP A 9 1.37 3.87 -0.73
N ASP A 10 2.02 4.34 0.33
CA ASP A 10 1.95 5.74 0.72
C ASP A 10 0.51 6.18 0.95
N GLY A 11 -0.34 5.22 1.35
CA GLY A 11 -1.73 5.53 1.59
C GLY A 11 -2.65 5.01 0.50
N VAL A 12 -2.21 5.17 -0.75
CA VAL A 12 -2.99 4.71 -1.89
C VAL A 12 -2.09 4.14 -2.98
N TYR A 13 -2.38 2.92 -3.41
CA TYR A 13 -1.60 2.27 -4.46
C TYR A 13 -1.66 3.06 -5.76
N ILE A 14 -0.53 3.09 -6.47
CA ILE A 14 -0.46 3.81 -7.73
C ILE A 14 -1.37 3.19 -8.79
N ARG A 15 -2.25 4.01 -9.37
CA ARG A 15 -3.17 3.53 -10.38
C ARG A 15 -2.56 3.67 -11.78
N GLY A 16 -2.68 2.62 -12.57
CA GLY A 16 -2.13 2.64 -13.92
C GLY A 16 -0.67 2.99 -13.95
N ARG A 17 0.15 2.19 -13.27
CA ARG A 17 1.59 2.42 -13.22
C ARG A 17 2.24 2.12 -14.56
N LEU A 1 2.16 -4.73 15.74
CA LEU A 1 3.43 -4.79 15.03
C LEU A 1 3.25 -4.41 13.56
N GLY A 2 2.16 -4.88 12.97
CA GLY A 2 1.89 -4.57 11.57
C GLY A 2 1.51 -5.80 10.77
N ARG A 3 1.56 -5.69 9.44
CA ARG A 3 1.22 -6.79 8.56
C ARG A 3 2.25 -6.93 7.44
N VAL A 4 2.22 -8.07 6.76
CA VAL A 4 3.14 -8.32 5.66
C VAL A 4 2.82 -7.45 4.45
N ASP A 5 1.67 -6.78 4.50
CA ASP A 5 1.24 -5.91 3.41
C ASP A 5 0.25 -4.87 3.91
N ILE A 6 0.33 -3.67 3.35
CA ILE A 6 -0.56 -2.58 3.74
C ILE A 6 -1.65 -2.36 2.69
N HIS A 7 -2.82 -1.94 3.14
CA HIS A 7 -3.95 -1.69 2.24
C HIS A 7 -3.54 -0.76 1.11
N VAL A 8 -3.17 0.47 1.46
CA VAL A 8 -2.74 1.45 0.46
C VAL A 8 -1.25 1.74 0.57
N TRP A 9 -0.76 2.62 -0.29
CA TRP A 9 0.66 2.98 -0.30
C TRP A 9 0.83 4.46 -0.58
N ASP A 10 1.45 5.18 0.36
CA ASP A 10 1.68 6.60 0.21
C ASP A 10 0.38 7.34 -0.08
N GLY A 11 -0.68 6.98 0.64
CA GLY A 11 -1.97 7.62 0.44
C GLY A 11 -2.92 6.74 -0.36
N VAL A 12 -2.52 6.37 -1.57
CA VAL A 12 -3.35 5.54 -2.43
C VAL A 12 -2.50 4.66 -3.33
N TYR A 13 -2.92 3.41 -3.49
CA TYR A 13 -2.19 2.47 -4.32
C TYR A 13 -2.22 2.90 -5.79
N ILE A 14 -1.06 2.84 -6.44
CA ILE A 14 -0.93 3.22 -7.84
C ILE A 14 -0.49 2.05 -8.70
N ARG A 15 -1.41 1.53 -9.51
CA ARG A 15 -1.11 0.40 -10.38
C ARG A 15 -0.27 0.85 -11.57
N GLY A 16 0.62 -0.04 -12.03
CA GLY A 16 1.46 0.29 -13.16
C GLY A 16 2.34 1.49 -12.91
N ARG A 17 1.99 2.62 -13.52
CA ARG A 17 2.76 3.85 -13.35
C ARG A 17 2.15 4.73 -12.26
N LEU A 1 2.31 -7.07 15.31
CA LEU A 1 1.14 -6.21 15.16
C LEU A 1 1.28 -5.32 13.93
N GLY A 2 1.43 -5.94 12.78
CA GLY A 2 1.56 -5.18 11.54
C GLY A 2 1.15 -5.99 10.32
N ARG A 3 1.49 -5.48 9.14
CA ARG A 3 1.16 -6.16 7.89
C ARG A 3 2.43 -6.55 7.14
N VAL A 4 2.26 -7.42 6.14
CA VAL A 4 3.39 -7.88 5.33
C VAL A 4 3.30 -7.34 3.91
N ASP A 5 2.16 -6.75 3.58
CA ASP A 5 1.95 -6.19 2.24
C ASP A 5 1.04 -4.97 2.31
N ILE A 6 1.43 -3.91 1.63
CA ILE A 6 0.65 -2.67 1.60
C ILE A 6 0.40 -2.21 0.18
N HIS A 7 -0.81 -1.70 -0.08
CA HIS A 7 -1.17 -1.21 -1.40
C HIS A 7 -1.14 0.31 -1.45
N VAL A 8 -1.83 0.93 -0.50
CA VAL A 8 -1.87 2.39 -0.44
C VAL A 8 -0.48 2.99 -0.26
N TRP A 9 -0.26 4.16 -0.85
CA TRP A 9 1.03 4.83 -0.75
C TRP A 9 0.85 6.33 -0.56
N ASP A 10 1.32 6.85 0.56
CA ASP A 10 1.21 8.27 0.87
C ASP A 10 -0.24 8.73 0.80
N GLY A 11 -1.17 7.80 1.06
CA GLY A 11 -2.58 8.14 1.01
C GLY A 11 -3.25 7.65 -0.26
N VAL A 12 -2.62 7.92 -1.39
CA VAL A 12 -3.16 7.51 -2.69
C VAL A 12 -2.67 6.11 -3.07
N TYR A 13 -3.56 5.33 -3.66
CA TYR A 13 -3.21 3.97 -4.07
C TYR A 13 -3.26 3.84 -5.59
N ILE A 14 -2.28 3.13 -6.14
CA ILE A 14 -2.20 2.93 -7.58
C ILE A 14 -1.98 1.45 -7.93
N ARG A 15 -2.59 1.00 -9.01
CA ARG A 15 -2.46 -0.38 -9.44
C ARG A 15 -1.15 -0.60 -10.19
N GLY A 16 -0.50 -1.73 -9.92
CA GLY A 16 0.76 -2.02 -10.58
C GLY A 16 1.81 -0.96 -10.33
N ARG A 17 2.02 -0.60 -9.07
CA ARG A 17 2.99 0.42 -8.71
C ARG A 17 4.39 -0.19 -8.59
N LEU A 1 0.63 -7.73 12.66
CA LEU A 1 0.22 -6.36 12.98
C LEU A 1 -0.07 -5.57 11.70
N GLY A 2 -1.12 -5.96 11.00
CA GLY A 2 -1.49 -5.28 9.77
C GLY A 2 -1.03 -6.01 8.54
N ARG A 3 -1.08 -5.34 7.39
CA ARG A 3 -0.67 -5.94 6.13
C ARG A 3 0.80 -6.38 6.18
N VAL A 4 1.12 -7.44 5.46
CA VAL A 4 2.49 -7.96 5.43
C VAL A 4 3.48 -6.85 5.07
N ASP A 5 3.21 -6.14 3.98
CA ASP A 5 4.07 -5.07 3.53
C ASP A 5 3.28 -3.79 3.30
N ILE A 6 3.98 -2.67 3.13
CA ILE A 6 3.34 -1.38 2.91
C ILE A 6 3.62 -0.87 1.50
N HIS A 7 2.56 -0.75 0.70
CA HIS A 7 2.70 -0.27 -0.67
C HIS A 7 1.94 1.03 -0.86
N VAL A 8 1.13 1.40 0.13
CA VAL A 8 0.36 2.63 0.08
C VAL A 8 1.26 3.86 0.01
N TRP A 9 0.69 4.98 -0.42
CA TRP A 9 1.44 6.22 -0.53
C TRP A 9 0.53 7.43 -0.36
N ASP A 10 0.81 8.22 0.68
CA ASP A 10 0.00 9.41 0.95
C ASP A 10 -1.48 9.06 1.07
N GLY A 11 -1.76 7.83 1.49
CA GLY A 11 -3.14 7.40 1.64
C GLY A 11 -3.56 6.47 0.52
N VAL A 12 -3.36 6.90 -0.72
CA VAL A 12 -3.74 6.10 -1.88
C VAL A 12 -2.62 5.13 -2.26
N TYR A 13 -3.00 3.95 -2.73
CA TYR A 13 -2.03 2.93 -3.12
C TYR A 13 -2.11 2.67 -4.62
N ILE A 14 -0.94 2.48 -5.24
CA ILE A 14 -0.87 2.22 -6.67
C ILE A 14 -1.39 0.84 -7.01
N ARG A 15 -2.51 0.78 -7.73
CA ARG A 15 -3.12 -0.48 -8.11
C ARG A 15 -2.59 -0.94 -9.47
N GLY A 16 -2.09 -2.16 -9.52
CA GLY A 16 -1.56 -2.70 -10.76
C GLY A 16 -0.47 -1.84 -11.36
N ARG A 17 0.59 -1.61 -10.57
CA ARG A 17 1.71 -0.78 -11.03
C ARG A 17 2.27 -1.32 -12.34
N LEU A 1 -5.00 -7.78 13.37
CA LEU A 1 -4.76 -7.60 11.94
C LEU A 1 -3.65 -6.59 11.69
N GLY A 2 -2.56 -7.06 11.08
CA GLY A 2 -1.45 -6.18 10.79
C GLY A 2 -0.57 -6.71 9.68
N ARG A 3 0.32 -5.86 9.16
CA ARG A 3 1.21 -6.25 8.08
C ARG A 3 2.67 -6.04 8.49
N VAL A 4 3.56 -6.82 7.88
CA VAL A 4 4.99 -6.73 8.17
C VAL A 4 5.54 -5.36 7.82
N ASP A 5 5.27 -4.92 6.59
CA ASP A 5 5.73 -3.61 6.13
C ASP A 5 4.65 -2.91 5.33
N ILE A 6 4.83 -1.60 5.11
CA ILE A 6 3.87 -0.82 4.36
C ILE A 6 3.60 -1.43 2.99
N HIS A 7 2.32 -1.50 2.62
CA HIS A 7 1.93 -2.07 1.34
C HIS A 7 1.53 -0.98 0.36
N VAL A 8 0.65 -0.07 0.81
CA VAL A 8 0.19 1.02 -0.03
C VAL A 8 1.35 1.94 -0.42
N TRP A 9 1.04 2.99 -1.16
CA TRP A 9 2.05 3.94 -1.61
C TRP A 9 1.48 5.35 -1.70
N ASP A 10 2.12 6.29 -1.01
CA ASP A 10 1.67 7.68 -1.02
C ASP A 10 0.20 7.78 -0.63
N GLY A 11 -0.16 7.17 0.50
CA GLY A 11 -1.54 7.20 0.95
C GLY A 11 -2.36 6.07 0.37
N VAL A 12 -2.31 5.93 -0.96
CA VAL A 12 -3.07 4.88 -1.64
C VAL A 12 -2.36 4.45 -2.92
N TYR A 13 -2.09 3.15 -3.02
CA TYR A 13 -1.41 2.60 -4.19
C TYR A 13 -2.19 2.92 -5.47
N ILE A 14 -1.47 3.34 -6.50
CA ILE A 14 -2.10 3.68 -7.78
C ILE A 14 -2.42 2.42 -8.58
N ARG A 15 -3.68 2.01 -8.53
CA ARG A 15 -4.12 0.82 -9.25
C ARG A 15 -3.84 0.95 -10.74
N GLY A 16 -3.44 -0.15 -11.37
CA GLY A 16 -3.15 -0.13 -12.79
C GLY A 16 -2.15 0.93 -13.16
N ARG A 17 -0.87 0.63 -13.00
CA ARG A 17 0.19 1.58 -13.31
C ARG A 17 0.28 1.80 -14.82
N LEU A 1 -4.54 -5.73 13.14
CA LEU A 1 -3.60 -4.73 13.65
C LEU A 1 -2.64 -4.30 12.56
N GLY A 2 -3.10 -4.35 11.32
CA GLY A 2 -2.27 -3.95 10.20
C GLY A 2 -1.42 -5.09 9.68
N ARG A 3 -0.42 -4.76 8.86
CA ARG A 3 0.46 -5.77 8.29
C ARG A 3 1.86 -5.67 8.88
N VAL A 4 2.59 -6.78 8.87
CA VAL A 4 3.94 -6.82 9.41
C VAL A 4 4.91 -6.04 8.52
N ASP A 5 4.43 -5.65 7.34
CA ASP A 5 5.26 -4.90 6.40
C ASP A 5 4.38 -4.12 5.42
N ILE A 6 4.81 -2.89 5.12
CA ILE A 6 4.06 -2.03 4.21
C ILE A 6 3.81 -2.73 2.88
N HIS A 7 2.54 -2.95 2.56
CA HIS A 7 2.17 -3.62 1.32
C HIS A 7 1.66 -2.61 0.30
N VAL A 8 1.43 -1.38 0.74
CA VAL A 8 0.94 -0.32 -0.12
C VAL A 8 2.02 0.71 -0.40
N TRP A 9 1.66 1.77 -1.12
CA TRP A 9 2.60 2.82 -1.47
C TRP A 9 1.93 4.20 -1.40
N ASP A 10 2.53 5.10 -0.64
CA ASP A 10 1.98 6.45 -0.50
C ASP A 10 0.53 6.41 -0.03
N GLY A 11 0.23 5.48 0.87
CA GLY A 11 -1.11 5.34 1.39
C GLY A 11 -1.94 4.35 0.61
N VAL A 12 -1.80 4.37 -0.71
CA VAL A 12 -2.54 3.46 -1.57
C VAL A 12 -1.74 3.12 -2.83
N TYR A 13 -1.64 1.84 -3.14
CA TYR A 13 -0.91 1.39 -4.32
C TYR A 13 -1.59 1.86 -5.60
N ILE A 14 -1.02 2.89 -6.21
CA ILE A 14 -1.57 3.44 -7.44
C ILE A 14 -1.65 2.38 -8.53
N ARG A 15 -2.68 2.46 -9.36
CA ARG A 15 -2.89 1.51 -10.45
C ARG A 15 -3.56 2.17 -11.63
N GLY A 16 -3.18 1.74 -12.84
CA GLY A 16 -3.76 2.30 -14.05
C GLY A 16 -3.58 3.80 -14.13
N ARG A 17 -2.33 4.25 -14.24
CA ARG A 17 -2.03 5.67 -14.32
C ARG A 17 -2.73 6.30 -15.52
N LEU A 1 4.22 -6.16 15.82
CA LEU A 1 3.00 -6.68 15.25
C LEU A 1 2.54 -5.82 14.07
N GLY A 2 2.09 -6.48 13.00
CA GLY A 2 1.63 -5.75 11.83
C GLY A 2 1.60 -6.63 10.59
N ARG A 3 1.48 -6.00 9.43
CA ARG A 3 1.44 -6.73 8.16
C ARG A 3 2.72 -6.49 7.36
N VAL A 4 2.79 -7.11 6.18
CA VAL A 4 3.96 -6.95 5.32
C VAL A 4 3.62 -6.17 4.06
N ASP A 5 2.33 -5.94 3.85
CA ASP A 5 1.87 -5.18 2.69
C ASP A 5 0.58 -4.43 3.00
N ILE A 6 0.47 -3.22 2.46
CA ILE A 6 -0.72 -2.39 2.68
C ILE A 6 -1.53 -2.23 1.39
N HIS A 7 -2.84 -2.12 1.54
CA HIS A 7 -3.73 -1.96 0.40
C HIS A 7 -3.35 -0.71 -0.41
N VAL A 8 -3.28 0.43 0.27
CA VAL A 8 -2.94 1.69 -0.39
C VAL A 8 -1.58 2.19 0.07
N TRP A 9 -1.16 3.33 -0.44
CA TRP A 9 0.12 3.93 -0.08
C TRP A 9 0.22 5.36 -0.58
N ASP A 10 0.87 6.22 0.20
CA ASP A 10 1.03 7.61 -0.17
C ASP A 10 -0.31 8.25 -0.52
N GLY A 11 -1.32 7.96 0.29
CA GLY A 11 -2.65 8.51 0.05
C GLY A 11 -3.49 7.62 -0.83
N VAL A 12 -2.92 7.15 -1.94
CA VAL A 12 -3.63 6.28 -2.87
C VAL A 12 -2.67 5.34 -3.57
N TYR A 13 -3.11 4.09 -3.77
CA TYR A 13 -2.28 3.09 -4.43
C TYR A 13 -1.81 3.60 -5.79
N ILE A 14 -0.54 3.36 -6.09
CA ILE A 14 0.04 3.79 -7.36
C ILE A 14 -0.34 2.83 -8.49
N ARG A 15 -0.53 3.38 -9.68
CA ARG A 15 -0.90 2.59 -10.83
C ARG A 15 0.05 1.41 -11.01
N GLY A 16 -0.50 0.26 -11.38
CA GLY A 16 0.31 -0.93 -11.58
C GLY A 16 1.08 -1.32 -10.34
N ARG A 17 2.36 -0.97 -10.29
CA ARG A 17 3.21 -1.29 -9.15
C ARG A 17 2.97 -0.30 -7.99
N LEU A 1 3.86 -2.98 14.34
CA LEU A 1 4.77 -3.78 13.52
C LEU A 1 4.44 -3.64 12.04
N GLY A 2 3.23 -4.05 11.67
CA GLY A 2 2.81 -3.96 10.28
C GLY A 2 1.95 -5.13 9.85
N ARG A 3 1.77 -5.29 8.55
CA ARG A 3 0.96 -6.37 8.01
C ARG A 3 1.76 -7.22 7.03
N VAL A 4 1.17 -8.33 6.60
CA VAL A 4 1.84 -9.23 5.66
C VAL A 4 1.93 -8.60 4.28
N ASP A 5 1.24 -7.48 4.09
CA ASP A 5 1.26 -6.77 2.81
C ASP A 5 0.53 -5.44 2.93
N ILE A 6 0.67 -4.61 1.88
CA ILE A 6 0.03 -3.30 1.87
C ILE A 6 -0.83 -3.13 0.63
N HIS A 7 -1.97 -2.46 0.79
CA HIS A 7 -2.88 -2.22 -0.33
C HIS A 7 -2.77 -0.78 -0.82
N VAL A 8 -2.89 0.18 0.11
CA VAL A 8 -2.80 1.59 -0.23
C VAL A 8 -1.55 2.22 0.36
N TRP A 9 -1.13 3.34 -0.22
CA TRP A 9 0.05 4.05 0.26
C TRP A 9 -0.18 5.55 0.28
N ASP A 10 0.00 6.15 1.45
CA ASP A 10 -0.19 7.59 1.59
C ASP A 10 -1.60 8.01 1.16
N GLY A 11 -2.56 7.09 1.33
CA GLY A 11 -3.93 7.38 0.95
C GLY A 11 -4.11 7.45 -0.55
N VAL A 12 -3.19 6.85 -1.29
CA VAL A 12 -3.25 6.84 -2.75
C VAL A 12 -2.63 5.57 -3.32
N TYR A 13 -3.37 4.91 -4.21
CA TYR A 13 -2.90 3.68 -4.83
C TYR A 13 -1.68 3.94 -5.70
N ILE A 14 -0.67 3.08 -5.58
CA ILE A 14 0.55 3.22 -6.36
C ILE A 14 0.32 2.81 -7.81
N ARG A 15 0.89 3.58 -8.73
CA ARG A 15 0.75 3.30 -10.16
C ARG A 15 1.28 1.91 -10.49
N GLY A 16 0.63 1.24 -11.43
CA GLY A 16 1.05 -0.09 -11.83
C GLY A 16 1.08 -1.05 -10.66
N ARG A 17 2.28 -1.38 -10.20
CA ARG A 17 2.45 -2.31 -9.08
C ARG A 17 2.02 -1.66 -7.77
N LEU A 1 2.40 -8.29 15.89
CA LEU A 1 1.03 -8.80 15.94
C LEU A 1 0.18 -8.16 14.84
N GLY A 2 0.81 -7.91 13.69
CA GLY A 2 0.09 -7.32 12.58
C GLY A 2 0.90 -7.32 11.30
N ARG A 3 0.24 -7.07 10.18
CA ARG A 3 0.91 -7.04 8.88
C ARG A 3 2.08 -6.06 8.88
N VAL A 4 3.05 -6.30 8.00
CA VAL A 4 4.22 -5.43 7.91
C VAL A 4 3.81 -3.97 7.77
N ASP A 5 2.96 -3.69 6.78
CA ASP A 5 2.50 -2.33 6.55
C ASP A 5 1.21 -2.33 5.73
N ILE A 6 0.53 -1.19 5.69
CA ILE A 6 -0.71 -1.06 4.95
C ILE A 6 -0.52 -1.43 3.48
N HIS A 7 -1.58 -1.96 2.87
CA HIS A 7 -1.53 -2.36 1.47
C HIS A 7 -1.18 -1.17 0.58
N VAL A 8 -1.95 -0.09 0.70
CA VAL A 8 -1.72 1.11 -0.09
C VAL A 8 -0.36 1.72 0.22
N TRP A 9 0.13 2.55 -0.70
CA TRP A 9 1.42 3.20 -0.52
C TRP A 9 1.42 4.59 -1.16
N ASP A 10 1.94 5.56 -0.41
CA ASP A 10 2.00 6.94 -0.90
C ASP A 10 0.61 7.45 -1.24
N GLY A 11 -0.40 6.95 -0.52
CA GLY A 11 -1.76 7.37 -0.78
C GLY A 11 -2.58 6.29 -1.45
N VAL A 12 -2.08 5.77 -2.56
CA VAL A 12 -2.78 4.73 -3.30
C VAL A 12 -1.80 3.82 -4.04
N TYR A 13 -2.12 2.53 -4.10
CA TYR A 13 -1.26 1.57 -4.78
C TYR A 13 -0.96 2.01 -6.21
N ILE A 14 0.28 1.83 -6.62
CA ILE A 14 0.71 2.22 -7.97
C ILE A 14 0.26 1.19 -8.99
N ARG A 15 -0.84 1.48 -9.69
CA ARG A 15 -1.37 0.58 -10.70
C ARG A 15 -1.90 1.36 -11.90
N GLY A 16 -1.58 0.89 -13.10
CA GLY A 16 -2.02 1.56 -14.30
C GLY A 16 -1.64 3.02 -14.34
N ARG A 17 -0.34 3.29 -14.41
CA ARG A 17 0.16 4.66 -14.45
C ARG A 17 -0.33 5.39 -15.70
#